data_1SFK
#
_entry.id   1SFK
#
_cell.length_a   85.655
_cell.length_b   85.655
_cell.length_c   214.384
_cell.angle_alpha   90.00
_cell.angle_beta   90.00
_cell.angle_gamma   90.00
#
_symmetry.space_group_name_H-M   'I 41'
#
loop_
_entity.id
_entity.type
_entity.pdbx_description
1 polymer 'Core protein'
2 non-polymer 'CALCIUM ION'
3 non-polymer 'CHLORIDE ION'
4 non-polymer 'PHOSPHATE ION'
5 non-polymer 'TETRAETHYLENE GLYCOL'
6 water water
#
_entity_poly.entity_id   1
_entity_poly.type   'polypeptide(L)'
_entity_poly.pdbx_seq_one_letter_code
;RVLSLTGLKRAMLSLIDGRGPTRFVLALLAFFRFTAIAPTRAVLDRWRSVNKQTAMKHLLSFKKELGTLTSAINRR
;
_entity_poly.pdbx_strand_id   A,B,C,D,E,F,G,H
#
loop_
_chem_comp.id
_chem_comp.type
_chem_comp.name
_chem_comp.formula
CA non-polymer 'CALCIUM ION' 'Ca 2'
CL non-polymer 'CHLORIDE ION' 'Cl -1'
PG4 non-polymer 'TETRAETHYLENE GLYCOL' 'C8 H18 O5'
PO4 non-polymer 'PHOSPHATE ION' 'O4 P -3'
#
# COMPACT_ATOMS: atom_id res chain seq x y z
N LEU A 3 26.74 -22.83 -9.19
CA LEU A 3 25.78 -23.43 -8.21
C LEU A 3 24.99 -22.41 -7.36
N SER A 4 23.73 -22.76 -7.11
CA SER A 4 22.87 -22.03 -6.17
C SER A 4 23.39 -22.14 -4.73
N LEU A 5 24.26 -23.14 -4.49
CA LEU A 5 24.98 -23.24 -3.23
C LEU A 5 25.98 -22.10 -3.15
N THR A 6 26.80 -21.96 -4.17
CA THR A 6 27.65 -20.77 -4.28
C THR A 6 26.81 -19.50 -4.03
N GLY A 7 25.64 -19.42 -4.65
CA GLY A 7 24.69 -18.32 -4.48
C GLY A 7 23.95 -18.23 -3.14
N LEU A 8 23.73 -19.35 -2.45
CA LEU A 8 23.15 -19.28 -1.11
C LEU A 8 24.18 -18.56 -0.24
N LYS A 9 25.32 -19.21 -0.05
CA LYS A 9 26.40 -18.69 0.80
C LYS A 9 26.59 -17.20 0.59
N ARG A 10 26.60 -16.76 -0.67
CA ARG A 10 26.81 -15.35 -0.99
C ARG A 10 25.80 -14.47 -0.25
N ALA A 11 24.52 -14.77 -0.50
CA ALA A 11 23.40 -14.20 0.25
C ALA A 11 23.68 -14.14 1.76
N MET A 12 24.17 -15.24 2.30
CA MET A 12 24.35 -15.34 3.75
C MET A 12 25.45 -14.42 4.30
N LEU A 13 26.55 -14.27 3.56
CA LEU A 13 27.61 -13.35 3.98
C LEU A 13 27.08 -11.95 3.78
N SER A 14 26.46 -11.76 2.62
CA SER A 14 25.88 -10.49 2.20
C SER A 14 24.89 -9.87 3.20
N LEU A 15 24.21 -10.72 3.96
CA LEU A 15 23.29 -10.22 4.99
C LEU A 15 23.95 -10.11 6.34
N ILE A 16 25.11 -10.76 6.49
CA ILE A 16 25.91 -10.66 7.71
C ILE A 16 26.65 -9.32 7.73
N ASP A 17 27.59 -9.15 6.79
CA ASP A 17 28.12 -7.82 6.48
C ASP A 17 27.26 -7.27 5.37
N GLY A 18 27.20 -5.96 5.23
CA GLY A 18 26.40 -5.39 4.16
C GLY A 18 27.18 -5.49 2.88
N ARG A 19 28.29 -6.20 2.88
CA ARG A 19 29.12 -6.10 1.71
C ARG A 19 28.79 -7.12 0.62
N GLY A 20 29.55 -7.12 -0.47
CA GLY A 20 29.22 -7.98 -1.58
C GLY A 20 28.44 -7.28 -2.69
N PRO A 21 28.10 -7.98 -3.77
CA PRO A 21 27.60 -7.36 -5.00
C PRO A 21 26.40 -6.46 -4.80
N THR A 22 26.52 -5.26 -5.38
CA THR A 22 25.51 -4.22 -5.31
C THR A 22 24.11 -4.78 -5.55
N ARG A 23 23.94 -5.52 -6.65
CA ARG A 23 22.63 -5.99 -7.04
C ARG A 23 22.10 -7.11 -6.12
N PHE A 24 23.01 -7.95 -5.65
CA PHE A 24 22.67 -8.97 -4.69
C PHE A 24 22.10 -8.36 -3.37
N VAL A 25 22.78 -7.33 -2.81
CA VAL A 25 22.31 -6.64 -1.61
C VAL A 25 20.95 -5.98 -1.85
N LEU A 26 20.80 -5.37 -3.02
CA LEU A 26 19.51 -4.84 -3.45
C LEU A 26 18.45 -5.96 -3.62
N ALA A 27 18.80 -7.05 -4.29
CA ALA A 27 17.90 -8.21 -4.39
C ALA A 27 17.42 -8.65 -3.00
N LEU A 28 18.38 -8.74 -2.07
CA LEU A 28 18.13 -9.09 -0.68
C LEU A 28 17.11 -8.13 -0.07
N LEU A 29 17.36 -6.84 -0.28
CA LEU A 29 16.47 -5.82 0.23
C LEU A 29 15.05 -5.99 -0.30
N ALA A 30 14.92 -6.19 -1.62
CA ALA A 30 13.61 -6.44 -2.24
C ALA A 30 12.94 -7.63 -1.58
N PHE A 31 13.69 -8.72 -1.36
CA PHE A 31 13.14 -9.92 -0.75
C PHE A 31 12.72 -9.67 0.69
N PHE A 32 13.48 -8.84 1.39
CA PHE A 32 13.17 -8.52 2.78
C PHE A 32 11.93 -7.66 2.87
N ARG A 33 11.57 -7.04 1.75
CA ARG A 33 10.36 -6.23 1.65
C ARG A 33 9.19 -7.08 1.17
N PHE A 34 9.44 -7.96 0.18
CA PHE A 34 8.41 -8.84 -0.37
C PHE A 34 7.81 -9.69 0.74
N THR A 35 8.68 -10.42 1.43
CA THR A 35 8.39 -11.05 2.71
C THR A 35 8.40 -9.94 3.73
N ALA A 36 7.44 -9.94 4.65
CA ALA A 36 7.35 -8.88 5.66
C ALA A 36 8.43 -9.03 6.74
N ILE A 37 9.69 -8.98 6.33
CA ILE A 37 10.82 -9.16 7.26
C ILE A 37 11.70 -7.90 7.36
N ALA A 38 12.03 -7.51 8.60
CA ALA A 38 12.91 -6.37 8.86
C ALA A 38 14.37 -6.69 8.50
N PRO A 39 14.94 -5.98 7.53
CA PRO A 39 16.28 -6.29 7.02
C PRO A 39 17.39 -6.04 8.04
N THR A 40 18.50 -6.74 7.90
CA THR A 40 19.62 -6.57 8.83
C THR A 40 20.27 -5.20 8.73
N ARG A 41 20.71 -4.65 9.86
CA ARG A 41 21.31 -3.33 9.86
C ARG A 41 22.37 -3.20 8.76
N ALA A 42 23.16 -4.25 8.54
CA ALA A 42 24.23 -4.21 7.55
C ALA A 42 23.70 -4.03 6.14
N VAL A 43 22.51 -4.57 5.89
CA VAL A 43 21.87 -4.52 4.57
C VAL A 43 21.23 -3.16 4.38
N LEU A 44 20.54 -2.71 5.43
CA LEU A 44 19.91 -1.41 5.43
C LEU A 44 20.99 -0.33 5.28
N ASP A 45 22.10 -0.47 6.00
CA ASP A 45 23.21 0.48 5.94
C ASP A 45 23.71 0.70 4.53
N ARG A 46 23.64 -0.35 3.74
CA ARG A 46 24.15 -0.31 2.38
C ARG A 46 23.18 0.40 1.44
N TRP A 47 21.89 0.16 1.66
CA TRP A 47 20.80 0.78 0.89
C TRP A 47 20.81 2.33 0.97
N ARG A 48 21.50 2.87 1.96
CA ARG A 48 21.62 4.32 2.08
C ARG A 48 22.87 4.84 1.36
N SER A 49 23.75 3.92 0.96
CA SER A 49 25.05 4.27 0.40
C SER A 49 25.17 4.04 -1.09
N VAL A 50 24.39 3.08 -1.61
CA VAL A 50 24.47 2.66 -3.01
C VAL A 50 24.34 3.84 -3.99
N ASN A 51 25.11 3.79 -5.08
CA ASN A 51 25.04 4.85 -6.08
C ASN A 51 23.65 4.92 -6.74
N LYS A 52 23.03 6.10 -6.63
CA LYS A 52 21.68 6.35 -7.12
C LYS A 52 21.45 5.73 -8.51
N GLN A 53 22.34 6.07 -9.44
CA GLN A 53 22.27 5.61 -10.81
C GLN A 53 22.28 4.09 -10.94
N THR A 54 23.27 3.44 -10.32
CA THR A 54 23.37 1.98 -10.32
C THR A 54 22.21 1.33 -9.56
N ALA A 55 21.84 1.90 -8.44
CA ALA A 55 20.73 1.38 -7.64
C ALA A 55 19.44 1.33 -8.45
N MET A 56 19.22 2.36 -9.27
CA MET A 56 18.04 2.41 -10.11
C MET A 56 18.12 1.38 -11.24
N LYS A 57 19.27 1.31 -11.91
CA LYS A 57 19.52 0.31 -12.92
C LYS A 57 19.03 -1.04 -12.46
N HIS A 58 19.43 -1.45 -11.27
CA HIS A 58 19.14 -2.77 -10.78
C HIS A 58 17.68 -2.97 -10.39
N LEU A 59 17.12 -2.05 -9.59
CA LEU A 59 15.73 -2.11 -9.18
C LEU A 59 14.82 -2.19 -10.42
N LEU A 60 15.22 -1.52 -11.50
CA LEU A 60 14.40 -1.48 -12.69
C LEU A 60 14.37 -2.85 -13.35
N SER A 61 15.48 -3.58 -13.29
CA SER A 61 15.50 -4.88 -13.94
C SER A 61 14.81 -5.91 -13.06
N PHE A 62 14.76 -5.65 -11.75
CA PHE A 62 13.95 -6.48 -10.87
C PHE A 62 12.49 -6.36 -11.29
N LYS A 63 12.04 -5.12 -11.42
CA LYS A 63 10.72 -4.83 -11.94
C LYS A 63 10.45 -5.64 -13.23
N LYS A 64 11.45 -5.70 -14.10
CA LYS A 64 11.33 -6.41 -15.34
C LYS A 64 11.13 -7.88 -15.07
N GLU A 65 11.92 -8.42 -14.14
CA GLU A 65 11.90 -9.85 -13.85
C GLU A 65 10.54 -10.24 -13.31
N LEU A 66 10.02 -9.42 -12.40
CA LEU A 66 8.66 -9.61 -11.88
C LEU A 66 7.62 -9.65 -13.00
N GLY A 67 7.83 -8.82 -14.00
CA GLY A 67 6.96 -8.81 -15.14
C GLY A 67 6.88 -10.13 -15.87
N THR A 68 8.03 -10.75 -16.16
CA THR A 68 8.06 -12.04 -16.86
C THR A 68 7.42 -13.14 -16.02
N LEU A 69 7.48 -12.99 -14.69
CA LEU A 69 6.82 -13.92 -13.78
C LEU A 69 5.30 -13.72 -13.80
N THR A 70 4.89 -12.47 -13.86
CA THR A 70 3.49 -12.14 -13.87
C THR A 70 2.86 -12.62 -15.18
N SER A 71 3.34 -12.12 -16.31
CA SER A 71 2.78 -12.51 -17.62
C SER A 71 2.82 -14.04 -17.84
N ALA A 72 3.75 -14.71 -17.15
CA ALA A 72 3.80 -16.16 -17.14
C ALA A 72 2.53 -16.76 -16.51
N ILE A 73 2.13 -16.24 -15.36
CA ILE A 73 0.94 -16.71 -14.65
C ILE A 73 -0.38 -16.28 -15.32
N ASN A 74 -0.32 -15.44 -16.34
CA ASN A 74 -1.52 -14.98 -17.04
C ASN A 74 -2.16 -16.07 -17.92
N ARG A 75 -1.36 -17.03 -18.37
CA ARG A 75 -1.85 -18.14 -19.20
C ARG A 75 -3.04 -18.92 -18.60
N ARG B 19 8.39 -26.45 0.26
CA ARG B 19 7.24 -26.32 1.29
C ARG B 19 7.13 -24.86 1.91
N GLY B 20 6.02 -24.55 2.63
CA GLY B 20 5.86 -23.27 3.33
C GLY B 20 5.08 -22.17 2.60
N PRO B 21 4.94 -20.99 3.22
CA PRO B 21 4.09 -19.90 2.71
C PRO B 21 4.21 -19.54 1.21
N THR B 22 3.06 -19.57 0.54
CA THR B 22 2.95 -19.26 -0.89
C THR B 22 3.76 -18.04 -1.29
N ARG B 23 3.58 -16.95 -0.54
CA ARG B 23 4.22 -15.67 -0.79
C ARG B 23 5.73 -15.77 -0.64
N PHE B 24 6.16 -16.50 0.40
CA PHE B 24 7.55 -16.70 0.68
C PHE B 24 8.25 -17.40 -0.49
N VAL B 25 7.66 -18.52 -0.94
CA VAL B 25 8.20 -19.30 -2.05
C VAL B 25 8.29 -18.45 -3.32
N LEU B 26 7.26 -17.66 -3.56
CA LEU B 26 7.26 -16.76 -4.69
C LEU B 26 8.31 -15.67 -4.55
N ALA B 27 8.39 -15.07 -3.36
CA ALA B 27 9.43 -14.09 -3.06
C ALA B 27 10.81 -14.67 -3.36
N LEU B 28 11.03 -15.90 -2.88
CA LEU B 28 12.26 -16.65 -3.16
C LEU B 28 12.51 -16.72 -4.65
N LEU B 29 11.48 -17.11 -5.39
CA LEU B 29 11.55 -17.23 -6.83
C LEU B 29 11.98 -15.91 -7.47
N ALA B 30 11.33 -14.82 -7.06
CA ALA B 30 11.67 -13.48 -7.50
C ALA B 30 13.13 -13.21 -7.26
N PHE B 31 13.58 -13.48 -6.06
CA PHE B 31 14.96 -13.25 -5.70
C PHE B 31 15.92 -14.08 -6.57
N PHE B 32 15.54 -15.32 -6.85
CA PHE B 32 16.35 -16.25 -7.64
C PHE B 32 16.40 -15.78 -9.07
N ARG B 33 15.49 -14.89 -9.46
CA ARG B 33 15.51 -14.37 -10.80
C ARG B 33 16.25 -13.02 -10.83
N PHE B 34 16.14 -12.26 -9.75
CA PHE B 34 16.79 -10.95 -9.62
C PHE B 34 18.29 -11.10 -9.61
N THR B 35 18.74 -11.96 -8.69
CA THR B 35 20.08 -12.58 -8.73
C THR B 35 20.05 -13.57 -9.85
N ALA B 36 21.09 -13.67 -10.67
CA ALA B 36 21.02 -14.64 -11.75
C ALA B 36 21.31 -16.05 -11.26
N ILE B 37 20.45 -16.56 -10.37
CA ILE B 37 20.58 -17.89 -9.75
C ILE B 37 19.50 -18.85 -10.21
N ALA B 38 19.91 -20.07 -10.56
CA ALA B 38 18.98 -21.15 -10.95
C ALA B 38 18.30 -21.73 -9.71
N PRO B 39 16.96 -21.63 -9.63
CA PRO B 39 16.20 -21.96 -8.40
C PRO B 39 16.20 -23.45 -8.14
N THR B 40 16.07 -23.86 -6.88
CA THR B 40 16.10 -25.30 -6.57
C THR B 40 14.85 -25.98 -7.09
N ARG B 41 15.00 -27.24 -7.48
CA ARG B 41 13.88 -28.00 -8.04
C ARG B 41 12.61 -27.95 -7.18
N ALA B 42 12.77 -28.00 -5.86
CA ALA B 42 11.63 -27.88 -4.93
C ALA B 42 10.91 -26.52 -5.01
N VAL B 43 11.65 -25.45 -5.30
CA VAL B 43 11.08 -24.11 -5.49
C VAL B 43 10.39 -24.01 -6.84
N LEU B 44 11.08 -24.44 -7.89
CA LEU B 44 10.54 -24.47 -9.24
C LEU B 44 9.26 -25.31 -9.32
N ASP B 45 9.30 -26.48 -8.69
CA ASP B 45 8.17 -27.43 -8.59
C ASP B 45 6.89 -26.76 -8.10
N ARG B 46 7.03 -25.85 -7.14
CA ARG B 46 5.88 -25.22 -6.53
C ARG B 46 5.33 -24.06 -7.40
N TRP B 47 6.23 -23.37 -8.10
CA TRP B 47 5.87 -22.34 -9.06
C TRP B 47 4.90 -22.81 -10.15
N ARG B 48 4.93 -24.11 -10.43
CA ARG B 48 4.02 -24.69 -11.43
C ARG B 48 2.66 -25.07 -10.82
N SER B 49 2.58 -25.05 -9.50
CA SER B 49 1.41 -25.54 -8.76
C SER B 49 0.58 -24.43 -8.10
N VAL B 50 1.20 -23.29 -7.82
CA VAL B 50 0.55 -22.13 -7.20
C VAL B 50 -0.79 -21.78 -7.81
N ASN B 51 -1.78 -21.48 -6.96
CA ASN B 51 -3.06 -20.98 -7.45
C ASN B 51 -2.88 -19.69 -8.24
N LYS B 52 -3.21 -19.75 -9.53
CA LYS B 52 -3.14 -18.61 -10.46
C LYS B 52 -3.51 -17.26 -9.81
N GLN B 53 -4.71 -17.21 -9.24
CA GLN B 53 -5.27 -16.05 -8.55
C GLN B 53 -4.38 -15.50 -7.42
N THR B 54 -3.98 -16.38 -6.50
CA THR B 54 -3.14 -16.01 -5.37
C THR B 54 -1.74 -15.66 -5.81
N ALA B 55 -1.22 -16.43 -6.77
CA ALA B 55 0.09 -16.17 -7.35
C ALA B 55 0.21 -14.76 -7.91
N MET B 56 -0.84 -14.34 -8.63
CA MET B 56 -0.96 -12.98 -9.17
C MET B 56 -0.99 -11.94 -8.07
N LYS B 57 -1.91 -12.11 -7.13
CA LYS B 57 -2.02 -11.18 -6.00
C LYS B 57 -0.64 -10.87 -5.43
N HIS B 58 0.17 -11.90 -5.22
CA HIS B 58 1.46 -11.73 -4.59
C HIS B 58 2.47 -11.02 -5.45
N LEU B 59 2.66 -11.54 -6.67
CA LEU B 59 3.58 -10.93 -7.61
C LEU B 59 3.27 -9.44 -7.76
N LEU B 60 1.99 -9.11 -7.73
CA LEU B 60 1.58 -7.74 -7.96
C LEU B 60 2.00 -6.85 -6.81
N SER B 61 2.00 -7.41 -5.60
CA SER B 61 2.42 -6.64 -4.44
C SER B 61 3.94 -6.52 -4.38
N PHE B 62 4.64 -7.50 -4.93
CA PHE B 62 6.08 -7.41 -5.10
C PHE B 62 6.39 -6.20 -6.00
N LYS B 63 5.70 -6.13 -7.14
CA LYS B 63 5.89 -5.02 -8.06
C LYS B 63 5.70 -3.71 -7.33
N LYS B 64 4.73 -3.68 -6.43
CA LYS B 64 4.42 -2.45 -5.72
C LYS B 64 5.57 -2.09 -4.80
N GLU B 65 6.14 -3.10 -4.16
CA GLU B 65 7.21 -2.86 -3.20
C GLU B 65 8.45 -2.35 -3.92
N LEU B 66 8.80 -2.96 -5.04
CA LEU B 66 9.87 -2.46 -5.87
C LEU B 66 9.65 -0.99 -6.21
N GLY B 67 8.37 -0.63 -6.43
CA GLY B 67 7.96 0.74 -6.72
C GLY B 67 8.36 1.73 -5.64
N THR B 68 8.03 1.40 -4.38
CA THR B 68 8.44 2.19 -3.21
C THR B 68 9.95 2.37 -3.16
N LEU B 69 10.68 1.35 -3.58
CA LEU B 69 12.14 1.41 -3.50
C LEU B 69 12.68 2.29 -4.58
N THR B 70 12.04 2.26 -5.73
CA THR B 70 12.47 3.04 -6.87
C THR B 70 12.27 4.50 -6.57
N SER B 71 11.04 4.86 -6.28
CA SER B 71 10.70 6.25 -6.05
C SER B 71 11.53 6.78 -4.90
N ALA B 72 11.91 5.92 -3.96
CA ALA B 72 12.79 6.32 -2.86
C ALA B 72 14.13 6.83 -3.40
N ILE B 73 14.71 6.08 -4.33
CA ILE B 73 16.01 6.41 -4.91
C ILE B 73 15.94 7.54 -5.93
N ASN B 74 14.73 7.99 -6.28
CA ASN B 74 14.62 9.13 -7.19
C ASN B 74 14.97 10.50 -6.57
N ARG B 75 14.98 10.59 -5.24
CA ARG B 75 15.29 11.86 -4.62
C ARG B 75 16.74 12.34 -4.80
N LEU C 3 -14.02 18.10 -31.51
CA LEU C 3 -14.84 19.25 -31.00
C LEU C 3 -14.77 19.31 -29.46
N SER C 4 -15.93 19.29 -28.79
CA SER C 4 -16.02 19.43 -27.34
C SER C 4 -15.07 18.50 -26.60
N LEU C 5 -13.78 18.72 -26.83
CA LEU C 5 -12.70 17.94 -26.25
C LEU C 5 -11.49 18.85 -26.01
N THR C 6 -11.44 19.46 -24.82
CA THR C 6 -10.37 20.38 -24.47
C THR C 6 -9.01 19.67 -24.51
N GLY C 7 -8.99 18.42 -24.02
CA GLY C 7 -7.78 17.61 -23.95
C GLY C 7 -7.42 16.83 -25.22
N LEU C 8 -7.81 17.37 -26.36
CA LEU C 8 -7.47 16.83 -27.67
C LEU C 8 -6.63 17.85 -28.45
N LYS C 9 -7.18 19.07 -28.59
CA LYS C 9 -6.64 20.16 -29.42
C LYS C 9 -5.18 20.56 -29.15
N ARG C 10 -4.67 20.17 -27.98
CA ARG C 10 -3.26 20.34 -27.58
C ARG C 10 -2.48 19.07 -27.81
N ALA C 11 -3.17 17.94 -27.66
CA ALA C 11 -2.66 16.60 -27.97
C ALA C 11 -2.56 16.47 -29.49
N MET C 12 -3.24 17.41 -30.16
CA MET C 12 -3.14 17.61 -31.57
C MET C 12 -1.76 18.21 -31.71
N LEU C 13 -1.64 19.51 -31.42
CA LEU C 13 -0.37 20.24 -31.41
C LEU C 13 0.84 19.31 -31.16
N SER C 14 0.91 18.71 -29.98
CA SER C 14 2.02 17.84 -29.56
C SER C 14 2.74 17.01 -30.65
N LEU C 15 2.00 16.24 -31.46
CA LEU C 15 2.62 15.40 -32.51
C LEU C 15 3.00 16.14 -33.80
N ILE C 16 2.09 16.97 -34.31
CA ILE C 16 2.40 17.82 -35.45
C ILE C 16 3.20 19.06 -35.02
N ASP C 17 3.83 19.04 -33.83
CA ASP C 17 4.42 20.23 -33.19
C ASP C 17 5.10 19.83 -31.86
N GLY C 18 6.38 19.51 -31.92
CA GLY C 18 7.09 18.85 -30.82
C GLY C 18 7.00 19.37 -29.40
N ARG C 19 6.45 20.57 -29.23
CA ARG C 19 6.52 21.33 -27.99
C ARG C 19 5.34 21.07 -27.04
N GLY C 20 5.28 21.82 -25.93
CA GLY C 20 4.28 21.62 -24.89
C GLY C 20 4.77 20.84 -23.67
N PRO C 21 3.90 20.60 -22.68
CA PRO C 21 4.31 20.06 -21.37
C PRO C 21 5.13 18.79 -21.43
N THR C 22 6.25 18.79 -20.71
CA THR C 22 7.18 17.66 -20.66
C THR C 22 6.47 16.35 -20.44
N ARG C 23 5.57 16.33 -19.47
CA ARG C 23 4.81 15.14 -19.09
C ARG C 23 3.90 14.65 -20.21
N PHE C 24 3.23 15.60 -20.85
CA PHE C 24 2.32 15.31 -21.95
C PHE C 24 3.07 14.62 -23.09
N VAL C 25 4.21 15.19 -23.48
CA VAL C 25 5.04 14.66 -24.55
C VAL C 25 5.55 13.25 -24.24
N LEU C 26 5.97 13.04 -23.00
CA LEU C 26 6.35 11.70 -22.56
C LEU C 26 5.16 10.72 -22.50
N ALA C 27 4.03 11.18 -21.99
CA ALA C 27 2.81 10.39 -22.01
C ALA C 27 2.48 9.97 -23.44
N LEU C 28 2.52 10.92 -24.39
CA LEU C 28 2.27 10.60 -25.81
C LEU C 28 3.24 9.53 -26.30
N LEU C 29 4.51 9.66 -25.89
CA LEU C 29 5.56 8.71 -26.24
C LEU C 29 5.24 7.32 -25.70
N ALA C 30 4.83 7.27 -24.44
CA ALA C 30 4.35 6.03 -23.82
C ALA C 30 3.25 5.42 -24.67
N PHE C 31 2.25 6.23 -25.01
CA PHE C 31 1.12 5.76 -25.80
C PHE C 31 1.55 5.28 -27.17
N PHE C 32 2.51 5.98 -27.77
CA PHE C 32 3.03 5.61 -29.09
C PHE C 32 3.79 4.27 -29.03
N ARG C 33 4.18 3.87 -27.82
CA ARG C 33 4.88 2.62 -27.64
C ARG C 33 3.88 1.52 -27.24
N PHE C 34 2.86 1.86 -26.45
CA PHE C 34 1.85 0.89 -26.00
C PHE C 34 1.12 0.37 -27.19
N THR C 35 0.59 1.31 -27.96
CA THR C 35 0.06 1.06 -29.30
C THR C 35 1.29 0.93 -30.17
N ALA C 36 1.31 -0.01 -31.11
CA ALA C 36 2.52 -0.22 -31.90
C ALA C 36 2.65 0.85 -32.99
N ILE C 37 2.76 2.13 -32.57
CA ILE C 37 2.80 3.27 -33.49
C ILE C 37 4.17 3.93 -33.49
N ALA C 38 4.71 4.23 -34.67
CA ALA C 38 5.97 4.98 -34.80
C ALA C 38 5.75 6.47 -34.55
N PRO C 39 6.40 7.00 -33.51
CA PRO C 39 6.16 8.37 -33.02
C PRO C 39 6.58 9.43 -34.01
N THR C 40 5.97 10.61 -33.96
CA THR C 40 6.33 11.69 -34.90
C THR C 40 7.73 12.21 -34.62
N ARG C 41 8.43 12.60 -35.67
CA ARG C 41 9.77 13.17 -35.57
C ARG C 41 9.86 14.20 -34.43
N ALA C 42 8.87 15.09 -34.38
CA ALA C 42 8.82 16.15 -33.39
C ALA C 42 8.70 15.63 -31.94
N VAL C 43 8.04 14.49 -31.78
CA VAL C 43 7.90 13.83 -30.46
C VAL C 43 9.19 13.14 -30.08
N LEU C 44 9.72 12.36 -31.03
CA LEU C 44 10.97 11.65 -30.84
C LEU C 44 12.13 12.62 -30.56
N ASP C 45 12.17 13.73 -31.29
CA ASP C 45 13.16 14.81 -31.13
C ASP C 45 13.25 15.32 -29.68
N ARG C 46 12.09 15.37 -29.00
CA ARG C 46 12.00 15.90 -27.65
C ARG C 46 12.48 14.89 -26.62
N TRP C 47 12.16 13.62 -26.88
CA TRP C 47 12.58 12.48 -26.10
C TRP C 47 14.11 12.42 -25.88
N ARG C 48 14.85 12.99 -26.81
CA ARG C 48 16.30 13.00 -26.75
C ARG C 48 16.79 14.19 -25.94
N SER C 49 15.90 15.16 -25.69
CA SER C 49 16.29 16.42 -25.06
C SER C 49 15.81 16.60 -23.63
N VAL C 50 14.76 15.89 -23.24
CA VAL C 50 14.19 15.99 -21.89
C VAL C 50 15.23 15.85 -20.80
N ASN C 51 15.12 16.69 -19.76
CA ASN C 51 15.97 16.60 -18.57
C ASN C 51 15.85 15.21 -17.91
N LYS C 52 16.95 14.48 -17.87
CA LYS C 52 16.95 13.11 -17.35
C LYS C 52 16.17 12.96 -16.04
N GLN C 53 16.47 13.82 -15.05
CA GLN C 53 15.81 13.79 -13.74
C GLN C 53 14.29 13.94 -13.83
N THR C 54 13.82 14.95 -14.55
CA THR C 54 12.38 15.19 -14.75
C THR C 54 11.74 14.10 -15.57
N ALA C 55 12.44 13.64 -16.60
CA ALA C 55 11.96 12.57 -17.46
C ALA C 55 11.71 11.30 -16.65
N MET C 56 12.62 10.99 -15.73
CA MET C 56 12.40 9.83 -14.90
C MET C 56 11.25 10.05 -13.92
N LYS C 57 11.19 11.20 -13.25
CA LYS C 57 10.06 11.49 -12.35
C LYS C 57 8.74 11.11 -13.01
N HIS C 58 8.60 11.49 -14.28
CA HIS C 58 7.33 11.34 -14.97
C HIS C 58 7.06 9.91 -15.31
N LEU C 59 8.03 9.27 -15.96
CA LEU C 59 7.92 7.85 -16.35
C LEU C 59 7.59 6.97 -15.14
N LEU C 60 8.10 7.33 -13.97
CA LEU C 60 7.87 6.50 -12.79
C LEU C 60 6.45 6.67 -12.27
N SER C 61 5.89 7.85 -12.47
CA SER C 61 4.51 8.11 -12.12
C SER C 61 3.54 7.42 -13.10
N PHE C 62 3.94 7.30 -14.35
CA PHE C 62 3.18 6.51 -15.30
C PHE C 62 3.10 5.05 -14.84
N LYS C 63 4.27 4.49 -14.54
CA LYS C 63 4.39 3.16 -13.98
C LYS C 63 3.40 3.01 -12.84
N LYS C 64 3.34 4.01 -11.97
CA LYS C 64 2.44 3.94 -10.84
C LYS C 64 1.00 3.88 -11.33
N GLU C 65 0.68 4.68 -12.34
CA GLU C 65 -0.72 4.78 -12.80
C GLU C 65 -1.15 3.44 -13.34
N LEU C 66 -0.31 2.85 -14.21
CA LEU C 66 -0.54 1.50 -14.74
C LEU C 66 -0.78 0.50 -13.59
N GLY C 67 -0.10 0.70 -12.46
CA GLY C 67 -0.26 -0.13 -11.29
C GLY C 67 -1.69 -0.11 -10.79
N THR C 68 -2.24 1.09 -10.59
CA THR C 68 -3.62 1.24 -10.10
C THR C 68 -4.60 0.57 -11.06
N LEU C 69 -4.23 0.55 -12.34
CA LEU C 69 -5.11 0.01 -13.35
C LEU C 69 -5.04 -1.50 -13.28
N THR C 70 -3.87 -2.04 -12.98
CA THR C 70 -3.65 -3.50 -12.89
C THR C 70 -4.42 -4.04 -11.71
N SER C 71 -4.02 -3.52 -10.56
CA SER C 71 -4.62 -3.79 -9.27
C SER C 71 -6.14 -3.79 -9.37
N ALA C 72 -6.65 -2.82 -10.12
CA ALA C 72 -8.07 -2.68 -10.37
C ALA C 72 -8.65 -3.93 -11.01
N ILE C 73 -8.02 -4.40 -12.07
CA ILE C 73 -8.51 -5.55 -12.83
C ILE C 73 -8.34 -6.87 -12.09
N ASN C 74 -7.59 -6.87 -11.00
CA ASN C 74 -7.40 -8.12 -10.29
C ASN C 74 -8.58 -8.61 -9.45
N ARG C 75 -9.55 -7.75 -9.16
CA ARG C 75 -10.74 -8.15 -8.40
C ARG C 75 -11.61 -9.23 -9.10
N LEU D 3 0.22 3.94 -41.45
CA LEU D 3 1.06 5.00 -40.82
C LEU D 3 0.51 5.29 -39.44
N SER D 4 1.02 6.37 -38.83
CA SER D 4 0.54 6.90 -37.53
C SER D 4 -0.77 7.72 -37.68
N LEU D 5 -0.96 8.42 -38.82
CA LEU D 5 -2.22 9.11 -39.09
C LEU D 5 -3.34 8.08 -39.18
N THR D 6 -3.05 6.94 -39.80
CA THR D 6 -3.95 5.77 -39.73
C THR D 6 -4.25 5.43 -38.27
N GLY D 7 -3.20 5.34 -37.46
CA GLY D 7 -3.35 5.12 -36.04
C GLY D 7 -4.01 6.25 -35.29
N LEU D 8 -3.95 7.46 -35.85
CA LEU D 8 -4.49 8.65 -35.21
C LEU D 8 -6.00 8.72 -35.26
N LYS D 9 -6.48 8.59 -36.51
CA LYS D 9 -7.91 8.42 -36.89
C LYS D 9 -8.48 7.22 -36.17
N ARG D 10 -7.74 6.12 -36.16
CA ARG D 10 -8.09 5.00 -35.30
C ARG D 10 -8.33 5.30 -33.84
N ALA D 11 -7.43 6.16 -33.29
CA ALA D 11 -7.51 6.60 -31.91
C ALA D 11 -8.77 7.48 -31.71
N MET D 12 -8.86 8.56 -32.51
CA MET D 12 -9.96 9.49 -32.46
C MET D 12 -11.35 8.81 -32.53
N LEU D 13 -11.44 7.77 -33.37
CA LEU D 13 -12.63 6.94 -33.49
C LEU D 13 -12.96 6.25 -32.18
N SER D 14 -12.05 5.38 -31.77
CA SER D 14 -12.02 4.79 -30.40
C SER D 14 -12.33 5.81 -29.23
N LEU D 15 -12.14 7.11 -29.48
CA LEU D 15 -12.26 8.14 -28.45
C LEU D 15 -13.66 8.66 -28.26
N ILE D 16 -14.37 8.78 -29.37
CA ILE D 16 -15.75 9.23 -29.32
C ILE D 16 -16.65 8.05 -29.01
N ASP D 17 -16.65 7.06 -29.88
CA ASP D 17 -17.25 5.79 -29.56
C ASP D 17 -16.13 4.90 -29.05
N GLY D 18 -16.35 4.27 -27.91
CA GLY D 18 -15.31 3.54 -27.22
C GLY D 18 -15.03 2.17 -27.81
N ARG D 19 -15.49 1.92 -29.02
CA ARG D 19 -15.19 0.63 -29.63
C ARG D 19 -13.82 0.62 -30.32
N GLY D 20 -13.49 -0.46 -31.03
CA GLY D 20 -12.14 -0.62 -31.56
C GLY D 20 -11.20 -1.43 -30.65
N PRO D 21 -9.94 -1.59 -31.04
CA PRO D 21 -9.09 -2.63 -30.46
C PRO D 21 -8.87 -2.49 -28.92
N THR D 22 -9.05 -3.63 -28.23
CA THR D 22 -9.00 -3.71 -26.78
C THR D 22 -7.82 -2.98 -26.25
N ARG D 23 -6.66 -3.29 -26.78
CA ARG D 23 -5.47 -2.70 -26.21
C ARG D 23 -5.35 -1.21 -26.53
N PHE D 24 -5.91 -0.80 -27.67
CA PHE D 24 -5.89 0.60 -28.05
C PHE D 24 -6.68 1.43 -27.03
N VAL D 25 -7.89 0.96 -26.70
CA VAL D 25 -8.78 1.61 -25.71
C VAL D 25 -8.15 1.65 -24.32
N LEU D 26 -7.49 0.54 -23.95
CA LEU D 26 -6.68 0.48 -22.72
C LEU D 26 -5.45 1.43 -22.74
N ALA D 27 -4.75 1.47 -23.87
CA ALA D 27 -3.68 2.44 -24.10
C ALA D 27 -4.22 3.85 -23.89
N LEU D 28 -5.32 4.16 -24.57
CA LEU D 28 -5.98 5.45 -24.40
C LEU D 28 -6.20 5.74 -22.93
N LEU D 29 -6.78 4.76 -22.22
CA LEU D 29 -7.06 4.88 -20.79
C LEU D 29 -5.82 5.21 -19.93
N ALA D 30 -4.73 4.47 -20.18
CA ALA D 30 -3.43 4.76 -19.54
C ALA D 30 -3.04 6.18 -19.80
N PHE D 31 -3.09 6.59 -21.08
CA PHE D 31 -2.81 7.98 -21.46
C PHE D 31 -3.64 9.04 -20.69
N PHE D 32 -4.95 8.80 -20.63
CA PHE D 32 -5.86 9.71 -19.97
C PHE D 32 -5.57 9.74 -18.50
N ARG D 33 -4.84 8.75 -18.00
CA ARG D 33 -4.47 8.79 -16.58
C ARG D 33 -3.11 9.44 -16.40
N PHE D 34 -2.21 9.14 -17.33
CA PHE D 34 -0.83 9.63 -17.32
C PHE D 34 -0.86 11.16 -17.29
N THR D 35 -1.53 11.71 -18.32
CA THR D 35 -1.95 13.12 -18.34
C THR D 35 -3.19 13.20 -17.49
N ALA D 36 -3.29 14.24 -16.68
CA ALA D 36 -4.41 14.30 -15.75
C ALA D 36 -5.69 14.70 -16.47
N ILE D 37 -6.13 13.88 -17.43
CA ILE D 37 -7.38 14.17 -18.13
C ILE D 37 -8.48 13.12 -17.89
N ALA D 38 -9.72 13.59 -17.71
CA ALA D 38 -10.86 12.71 -17.46
C ALA D 38 -11.35 12.07 -18.75
N PRO D 39 -11.35 10.73 -18.79
CA PRO D 39 -11.62 9.97 -20.02
C PRO D 39 -13.05 10.14 -20.51
N THR D 40 -13.26 9.95 -21.80
CA THR D 40 -14.61 10.02 -22.34
C THR D 40 -15.46 8.86 -21.85
N ARG D 41 -16.75 9.15 -21.65
CA ARG D 41 -17.72 8.15 -21.19
C ARG D 41 -17.58 6.84 -21.96
N ALA D 42 -17.43 6.95 -23.28
CA ALA D 42 -17.27 5.79 -24.15
C ALA D 42 -16.06 4.93 -23.83
N VAL D 43 -14.98 5.58 -23.38
CA VAL D 43 -13.72 4.87 -23.07
C VAL D 43 -13.87 4.24 -21.71
N LEU D 44 -14.39 5.02 -20.76
CA LEU D 44 -14.64 4.58 -19.40
C LEU D 44 -15.59 3.37 -19.40
N ASP D 45 -16.70 3.48 -20.13
CA ASP D 45 -17.68 2.40 -20.24
C ASP D 45 -17.09 1.07 -20.73
N ARG D 46 -16.01 1.14 -21.50
CA ARG D 46 -15.38 -0.07 -22.03
C ARG D 46 -14.44 -0.71 -21.01
N TRP D 47 -13.79 0.14 -20.24
CA TRP D 47 -12.89 -0.29 -19.17
C TRP D 47 -13.62 -1.13 -18.10
N ARG D 48 -14.93 -0.98 -17.99
CA ARG D 48 -15.67 -1.84 -17.07
C ARG D 48 -16.10 -3.16 -17.72
N SER D 49 -15.93 -3.27 -19.03
CA SER D 49 -16.43 -4.42 -19.79
C SER D 49 -15.33 -5.38 -20.25
N VAL D 50 -14.10 -4.85 -20.41
CA VAL D 50 -12.93 -5.61 -20.89
C VAL D 50 -12.73 -6.94 -20.17
N ASN D 51 -12.36 -7.97 -20.91
CA ASN D 51 -12.10 -9.28 -20.29
C ASN D 51 -10.92 -9.19 -19.31
N LYS D 52 -11.20 -9.51 -18.05
CA LYS D 52 -10.22 -9.51 -16.98
C LYS D 52 -8.83 -9.96 -17.46
N GLN D 53 -8.79 -11.18 -18.00
CA GLN D 53 -7.55 -11.82 -18.44
C GLN D 53 -6.84 -11.04 -19.55
N THR D 54 -7.57 -10.67 -20.61
CA THR D 54 -7.02 -9.90 -21.70
C THR D 54 -6.57 -8.53 -21.22
N ALA D 55 -7.40 -7.90 -20.41
CA ALA D 55 -7.11 -6.56 -19.91
C ALA D 55 -5.79 -6.55 -19.15
N MET D 56 -5.59 -7.62 -18.39
CA MET D 56 -4.37 -7.81 -17.61
C MET D 56 -3.16 -7.96 -18.55
N LYS D 57 -3.28 -8.88 -19.51
CA LYS D 57 -2.22 -9.11 -20.50
C LYS D 57 -1.69 -7.78 -21.03
N HIS D 58 -2.61 -6.89 -21.36
CA HIS D 58 -2.24 -5.64 -21.99
C HIS D 58 -1.59 -4.66 -21.06
N LEU D 59 -2.24 -4.40 -19.93
CA LEU D 59 -1.67 -3.49 -18.95
C LEU D 59 -0.24 -3.92 -18.57
N LEU D 60 0.00 -5.22 -18.52
CA LEU D 60 1.30 -5.74 -18.09
C LEU D 60 2.37 -5.41 -19.13
N SER D 61 1.95 -5.44 -20.39
CA SER D 61 2.80 -5.14 -21.50
C SER D 61 3.12 -3.65 -21.53
N PHE D 62 2.16 -2.84 -21.12
CA PHE D 62 2.38 -1.40 -20.99
C PHE D 62 3.47 -1.16 -19.95
N LYS D 63 3.29 -1.78 -18.79
CA LYS D 63 4.26 -1.71 -17.72
C LYS D 63 5.65 -2.04 -18.24
N LYS D 64 5.72 -3.06 -19.11
CA LYS D 64 6.99 -3.45 -19.75
C LYS D 64 7.56 -2.32 -20.58
N GLU D 65 6.68 -1.71 -21.37
CA GLU D 65 7.04 -0.67 -22.31
C GLU D 65 7.64 0.50 -21.57
N LEU D 66 6.94 0.94 -20.53
CA LEU D 66 7.44 1.98 -19.64
C LEU D 66 8.84 1.66 -19.09
N GLY D 67 9.08 0.38 -18.84
CA GLY D 67 10.36 -0.07 -18.33
C GLY D 67 11.50 0.21 -19.27
N THR D 68 11.32 -0.12 -20.56
CA THR D 68 12.34 0.12 -21.60
C THR D 68 12.60 1.63 -21.74
N LEU D 69 11.56 2.43 -21.53
CA LEU D 69 11.66 3.86 -21.56
C LEU D 69 12.48 4.37 -20.38
N THR D 70 12.23 3.82 -19.21
CA THR D 70 12.89 4.32 -18.04
C THR D 70 14.37 3.87 -18.02
N SER D 71 14.65 2.58 -18.24
CA SER D 71 16.05 2.12 -18.26
C SER D 71 16.86 2.82 -19.37
N ALA D 72 16.16 3.24 -20.42
CA ALA D 72 16.73 4.09 -21.46
C ALA D 72 17.28 5.40 -20.89
N ILE D 73 16.48 6.07 -20.06
CA ILE D 73 16.83 7.36 -19.47
C ILE D 73 17.89 7.24 -18.38
N ASN D 74 18.19 6.02 -17.97
CA ASN D 74 19.17 5.81 -16.91
C ASN D 74 20.62 6.05 -17.32
N ARG D 75 20.96 6.00 -18.62
CA ARG D 75 22.38 6.22 -19.03
C ARG D 75 22.88 7.64 -18.76
N LEU E 3 -7.54 -25.47 10.26
CA LEU E 3 -8.76 -25.84 10.93
C LEU E 3 -8.91 -25.16 12.29
N SER E 4 -10.07 -25.37 12.95
CA SER E 4 -10.34 -24.67 14.22
C SER E 4 -11.03 -25.49 15.32
N LEU E 5 -11.59 -26.66 14.98
CA LEU E 5 -12.17 -27.56 15.99
C LEU E 5 -11.10 -27.84 17.07
N THR E 6 -9.84 -27.78 16.63
CA THR E 6 -8.64 -27.82 17.48
C THR E 6 -8.45 -26.52 18.28
N GLY E 7 -8.68 -25.38 17.61
CA GLY E 7 -8.49 -24.04 18.17
C GLY E 7 -9.64 -23.43 18.95
N LEU E 8 -10.58 -24.29 19.36
CA LEU E 8 -11.60 -23.97 20.34
C LEU E 8 -10.91 -23.91 21.72
N LYS E 9 -10.42 -25.07 22.14
CA LYS E 9 -10.09 -25.37 23.54
C LYS E 9 -8.62 -25.20 23.91
N ARG E 10 -7.92 -24.37 23.13
CA ARG E 10 -6.66 -23.76 23.55
C ARG E 10 -7.11 -22.48 24.23
N ALA E 11 -8.13 -21.85 23.65
CA ALA E 11 -8.76 -20.63 24.16
C ALA E 11 -9.68 -20.92 25.36
N MET E 12 -9.54 -22.12 25.90
CA MET E 12 -10.08 -22.46 27.19
C MET E 12 -8.91 -22.57 28.17
N LEU E 13 -7.72 -22.84 27.62
CA LEU E 13 -6.49 -22.90 28.41
C LEU E 13 -5.68 -21.60 28.32
N SER E 14 -6.27 -20.58 27.70
CA SER E 14 -5.77 -19.21 27.81
C SER E 14 -6.84 -18.42 28.58
N LEU E 15 -8.01 -19.05 28.73
CA LEU E 15 -9.18 -18.47 29.38
C LEU E 15 -9.03 -18.62 30.89
N ILE E 16 -9.23 -19.84 31.40
CA ILE E 16 -9.13 -20.09 32.83
C ILE E 16 -7.67 -19.95 33.31
N ASP E 17 -6.77 -20.85 32.88
CA ASP E 17 -5.34 -20.70 33.20
C ASP E 17 -4.58 -19.91 32.12
N GLY E 18 -4.55 -18.58 32.30
CA GLY E 18 -4.10 -17.65 31.28
C GLY E 18 -2.76 -17.84 30.60
N ARG E 19 -2.18 -19.03 30.74
CA ARG E 19 -0.93 -19.40 30.08
C ARG E 19 -1.14 -19.63 28.57
N GLY E 20 -0.08 -20.02 27.87
CA GLY E 20 -0.14 -20.22 26.43
C GLY E 20 0.42 -19.05 25.63
N PRO E 21 0.37 -19.15 24.30
CA PRO E 21 1.04 -18.18 23.40
C PRO E 21 0.74 -16.71 23.68
N THR E 22 1.80 -15.91 23.78
CA THR E 22 1.71 -14.48 24.05
C THR E 22 0.66 -13.81 23.18
N ARG E 23 0.73 -14.05 21.88
CA ARG E 23 -0.16 -13.43 20.92
C ARG E 23 -1.59 -13.86 21.11
N PHE E 24 -1.77 -15.15 21.40
CA PHE E 24 -3.09 -15.72 21.66
C PHE E 24 -3.78 -15.00 22.81
N VAL E 25 -3.09 -14.90 23.94
CA VAL E 25 -3.61 -14.23 25.13
C VAL E 25 -3.93 -12.76 24.84
N LEU E 26 -3.06 -12.09 24.09
CA LEU E 26 -3.33 -10.71 23.70
C LEU E 26 -4.52 -10.61 22.73
N ALA E 27 -4.60 -11.52 21.75
CA ALA E 27 -5.76 -11.61 20.86
C ALA E 27 -7.04 -11.77 21.68
N LEU E 28 -7.04 -12.69 22.63
CA LEU E 28 -8.19 -12.89 23.51
C LEU E 28 -8.55 -11.59 24.21
N LEU E 29 -7.52 -10.89 24.71
CA LEU E 29 -7.72 -9.63 25.42
C LEU E 29 -8.40 -8.61 24.52
N ALA E 30 -7.89 -8.50 23.28
CA ALA E 30 -8.51 -7.70 22.24
C ALA E 30 -9.97 -8.05 22.09
N PHE E 31 -10.25 -9.34 21.94
CA PHE E 31 -11.61 -9.81 21.77
C PHE E 31 -12.50 -9.47 22.96
N PHE E 32 -11.95 -9.60 24.16
CA PHE E 32 -12.68 -9.30 25.38
C PHE E 32 -12.97 -7.81 25.50
N ARG E 33 -12.26 -7.01 24.72
CA ARG E 33 -12.45 -5.56 24.72
C ARG E 33 -13.39 -5.16 23.57
N PHE E 34 -13.27 -5.84 22.43
CA PHE E 34 -14.12 -5.58 21.27
C PHE E 34 -15.56 -5.90 21.60
N THR E 35 -15.78 -7.12 22.10
CA THR E 35 -17.01 -7.51 22.76
C THR E 35 -16.95 -6.87 24.14
N ALA E 36 -18.05 -6.33 24.65
CA ALA E 36 -17.97 -5.67 25.96
C ALA E 36 -17.93 -6.69 27.10
N ILE E 37 -16.89 -7.54 27.11
CA ILE E 37 -16.74 -8.62 28.08
C ILE E 37 -15.59 -8.36 29.04
N ALA E 38 -15.83 -8.54 30.35
CA ALA E 38 -14.79 -8.43 31.37
C ALA E 38 -13.90 -9.67 31.38
N PRO E 39 -12.59 -9.48 31.19
CA PRO E 39 -11.67 -10.59 30.91
C PRO E 39 -11.40 -11.40 32.16
N THR E 40 -11.07 -12.67 32.02
CA THR E 40 -10.79 -13.53 33.18
C THR E 40 -9.54 -13.07 33.89
N ARG E 41 -9.54 -13.20 35.23
CA ARG E 41 -8.40 -12.82 36.05
C ARG E 41 -7.08 -13.34 35.47
N ALA E 42 -7.08 -14.59 35.02
CA ALA E 42 -5.89 -15.21 34.47
C ALA E 42 -5.39 -14.55 33.18
N VAL E 43 -6.31 -14.01 32.40
CA VAL E 43 -5.94 -13.29 31.17
C VAL E 43 -5.44 -11.89 31.51
N LEU E 44 -6.17 -11.20 32.37
CA LEU E 44 -5.80 -9.89 32.87
C LEU E 44 -4.42 -9.92 33.53
N ASP E 45 -4.20 -10.93 34.37
CA ASP E 45 -2.93 -11.15 35.08
C ASP E 45 -1.72 -11.18 34.15
N ARG E 46 -1.93 -11.73 32.96
CA ARG E 46 -0.83 -11.89 32.01
C ARG E 46 -0.55 -10.60 31.23
N TRP E 47 -1.62 -9.84 30.97
CA TRP E 47 -1.56 -8.51 30.36
C TRP E 47 -0.65 -7.54 31.10
N ARG E 48 -0.48 -7.77 32.40
CA ARG E 48 0.39 -6.95 33.23
C ARG E 48 1.84 -7.42 33.15
N SER E 49 2.05 -8.62 32.63
CA SER E 49 3.38 -9.26 32.66
C SER E 49 4.09 -9.32 31.32
N VAL E 50 3.32 -9.29 30.23
CA VAL E 50 3.86 -9.36 28.87
C VAL E 50 5.03 -8.43 28.64
N ASN E 51 6.05 -8.91 27.93
CA ASN E 51 7.17 -8.07 27.52
C ASN E 51 6.69 -6.92 26.63
N LYS E 52 6.88 -5.70 27.14
CA LYS E 52 6.45 -4.48 26.45
C LYS E 52 6.71 -4.54 24.93
N GLN E 53 7.96 -4.81 24.55
CA GLN E 53 8.40 -4.93 23.16
C GLN E 53 7.57 -5.92 22.33
N THR E 54 7.43 -7.15 22.83
CA THR E 54 6.66 -8.19 22.15
C THR E 54 5.19 -7.87 22.14
N ALA E 55 4.70 -7.34 23.26
CA ALA E 55 3.29 -6.98 23.37
C ALA E 55 2.93 -5.96 22.31
N MET E 56 3.80 -4.98 22.11
CA MET E 56 3.55 -3.98 21.08
C MET E 56 3.60 -4.60 19.69
N LYS E 57 4.65 -5.38 19.38
CA LYS E 57 4.73 -6.05 18.08
C LYS E 57 3.39 -6.67 17.71
N HIS E 58 2.74 -7.32 18.68
CA HIS E 58 1.56 -8.09 18.41
C HIS E 58 0.37 -7.21 18.20
N LEU E 59 0.14 -6.31 19.15
CA LEU E 59 -0.99 -5.38 19.08
C LEU E 59 -0.97 -4.59 17.76
N LEU E 60 0.24 -4.29 17.27
CA LEU E 60 0.40 -3.51 16.03
C LEU E 60 0.01 -4.33 14.81
N SER E 61 0.25 -5.64 14.85
CA SER E 61 -0.20 -6.51 13.76
C SER E 61 -1.71 -6.79 13.80
N PHE E 62 -2.30 -6.72 14.99
CA PHE E 62 -3.74 -6.79 15.09
C PHE E 62 -4.35 -5.59 14.39
N LYS E 63 -3.79 -4.42 14.67
CA LYS E 63 -4.22 -3.18 14.05
C LYS E 63 -4.17 -3.32 12.55
N LYS E 64 -3.12 -3.99 12.08
CA LYS E 64 -2.93 -4.19 10.65
C LYS E 64 -4.01 -5.10 10.10
N GLU E 65 -4.35 -6.16 10.84
CA GLU E 65 -5.38 -7.10 10.40
C GLU E 65 -6.75 -6.42 10.31
N LEU E 66 -7.11 -5.63 11.33
CA LEU E 66 -8.35 -4.85 11.29
C LEU E 66 -8.36 -3.95 10.06
N GLY E 67 -7.19 -3.44 9.68
CA GLY E 67 -7.04 -2.65 8.48
C GLY E 67 -7.53 -3.37 7.24
N THR E 68 -7.02 -4.58 7.02
CA THR E 68 -7.43 -5.41 5.86
C THR E 68 -8.92 -5.63 5.86
N LEU E 69 -9.49 -5.74 7.05
CA LEU E 69 -10.90 -6.03 7.14
C LEU E 69 -11.68 -4.78 6.80
N THR E 70 -11.19 -3.61 7.19
CA THR E 70 -11.90 -2.35 6.90
C THR E 70 -11.86 -2.07 5.42
N SER E 71 -10.65 -2.02 4.91
CA SER E 71 -10.37 -1.82 3.49
C SER E 71 -11.27 -2.71 2.66
N ALA E 72 -11.46 -3.93 3.14
CA ALA E 72 -12.30 -4.92 2.47
C ALA E 72 -13.75 -4.44 2.35
N ILE E 73 -14.29 -3.92 3.44
CA ILE E 73 -15.66 -3.47 3.54
C ILE E 73 -15.88 -2.15 2.79
N ASN E 74 -14.80 -1.50 2.38
CA ASN E 74 -14.94 -0.24 1.65
C ASN E 74 -15.47 -0.34 0.20
N ARG E 75 -15.36 -1.53 -0.40
CA ARG E 75 -15.85 -1.75 -1.79
C ARG E 75 -17.34 -1.52 -1.99
N LEU F 3 -22.59 -12.49 32.39
CA LEU F 3 -21.17 -12.66 32.78
C LEU F 3 -20.29 -12.89 31.54
N SER F 4 -19.21 -13.65 31.73
CA SER F 4 -18.27 -14.01 30.67
C SER F 4 -18.57 -15.44 30.23
N LEU F 5 -19.13 -16.27 31.14
CA LEU F 5 -19.69 -17.55 30.73
C LEU F 5 -20.83 -17.26 29.74
N THR F 6 -21.76 -16.37 30.14
CA THR F 6 -22.77 -15.82 29.24
C THR F 6 -22.13 -15.34 27.94
N GLY F 7 -21.10 -14.52 28.06
CA GLY F 7 -20.32 -14.05 26.92
C GLY F 7 -19.68 -15.18 26.14
N LEU F 8 -19.25 -16.19 26.88
CA LEU F 8 -18.60 -17.36 26.30
C LEU F 8 -19.49 -18.22 25.43
N LYS F 9 -20.56 -18.75 26.06
CA LYS F 9 -21.66 -19.50 25.40
C LYS F 9 -22.17 -18.71 24.23
N ARG F 10 -22.41 -17.41 24.46
CA ARG F 10 -22.82 -16.48 23.39
C ARG F 10 -21.92 -16.57 22.19
N ALA F 11 -20.61 -16.64 22.49
CA ALA F 11 -19.57 -16.76 21.47
C ALA F 11 -19.63 -18.12 20.75
N MET F 12 -19.50 -19.21 21.52
CA MET F 12 -19.50 -20.58 21.00
C MET F 12 -20.68 -20.88 20.07
N LEU F 13 -21.88 -20.47 20.50
CA LEU F 13 -23.07 -20.55 19.70
C LEU F 13 -22.82 -19.85 18.38
N SER F 14 -22.50 -18.58 18.47
CA SER F 14 -22.10 -17.77 17.27
C SER F 14 -21.03 -18.34 16.24
N LEU F 15 -20.15 -19.27 16.62
CA LEU F 15 -19.30 -19.89 15.57
C LEU F 15 -19.81 -21.22 15.04
N ILE F 16 -20.83 -21.76 15.70
CA ILE F 16 -21.53 -22.95 15.25
C ILE F 16 -22.39 -22.55 14.07
N ASP F 17 -23.43 -21.76 14.35
CA ASP F 17 -24.11 -21.00 13.32
C ASP F 17 -23.51 -19.63 13.40
N GLY F 18 -23.38 -18.96 12.26
CA GLY F 18 -22.79 -17.65 12.25
C GLY F 18 -23.83 -16.64 12.62
N ARG F 19 -24.86 -17.04 13.35
CA ARG F 19 -25.83 -16.02 13.74
C ARG F 19 -25.48 -15.37 15.09
N GLY F 20 -26.35 -14.50 15.59
CA GLY F 20 -26.00 -13.71 16.78
C GLY F 20 -25.43 -12.33 16.47
N PRO F 21 -25.11 -11.54 17.50
CA PRO F 21 -24.86 -10.10 17.29
C PRO F 21 -23.71 -9.79 16.29
N THR F 22 -24.04 -8.82 15.41
CA THR F 22 -23.18 -8.40 14.30
C THR F 22 -21.77 -8.14 14.74
N ARG F 23 -21.62 -7.38 15.81
CA ARG F 23 -20.32 -7.00 16.30
C ARG F 23 -19.57 -8.18 16.92
N PHE F 24 -20.33 -9.09 17.54
CA PHE F 24 -19.76 -10.30 18.11
C PHE F 24 -19.09 -11.17 17.01
N VAL F 25 -19.84 -11.44 15.93
CA VAL F 25 -19.34 -12.25 14.80
C VAL F 25 -18.15 -11.55 14.15
N LEU F 26 -18.24 -10.22 14.02
CA LEU F 26 -17.09 -9.44 13.55
C LEU F 26 -15.91 -9.54 14.51
N ALA F 27 -16.15 -9.38 15.81
CA ALA F 27 -15.12 -9.57 16.84
C ALA F 27 -14.44 -10.95 16.70
N LEU F 28 -15.28 -11.99 16.58
CA LEU F 28 -14.81 -13.36 16.32
C LEU F 28 -13.88 -13.38 15.13
N LEU F 29 -14.36 -12.80 14.03
CA LEU F 29 -13.56 -12.70 12.79
C LEU F 29 -12.17 -12.08 12.99
N ALA F 30 -12.14 -10.91 13.63
CA ALA F 30 -10.89 -10.24 13.98
C ALA F 30 -9.99 -11.19 14.74
N PHE F 31 -10.55 -11.85 15.76
CA PHE F 31 -9.80 -12.82 16.55
C PHE F 31 -9.25 -14.00 15.73
N PHE F 32 -10.04 -14.53 14.80
CA PHE F 32 -9.61 -15.64 13.96
C PHE F 32 -8.54 -15.16 13.02
N ARG F 33 -8.41 -13.86 12.87
CA ARG F 33 -7.38 -13.32 12.02
C ARG F 33 -6.14 -13.02 12.84
N PHE F 34 -6.35 -12.48 14.04
CA PHE F 34 -5.28 -12.09 14.96
C PHE F 34 -4.43 -13.33 15.28
N THR F 35 -5.11 -14.35 15.78
CA THR F 35 -4.54 -15.70 15.85
C THR F 35 -4.65 -16.27 14.45
N ALA F 36 -3.60 -16.97 14.00
CA ALA F 36 -3.62 -17.49 12.64
C ALA F 36 -4.54 -18.70 12.49
N ILE F 37 -5.83 -18.50 12.76
CA ILE F 37 -6.81 -19.58 12.72
C ILE F 37 -7.87 -19.36 11.61
N ALA F 38 -8.15 -20.40 10.81
CA ALA F 38 -9.14 -20.33 9.72
C ALA F 38 -10.58 -20.37 10.25
N PRO F 39 -11.33 -19.27 10.08
CA PRO F 39 -12.68 -19.16 10.63
C PRO F 39 -13.67 -20.22 10.14
N THR F 40 -14.69 -20.48 10.95
CA THR F 40 -15.74 -21.43 10.57
C THR F 40 -16.55 -20.90 9.42
N ARG F 41 -16.99 -21.81 8.57
CA ARG F 41 -17.78 -21.44 7.39
C ARG F 41 -18.96 -20.54 7.78
N ALA F 42 -19.62 -20.83 8.89
CA ALA F 42 -20.75 -20.03 9.31
C ALA F 42 -20.38 -18.60 9.67
N VAL F 43 -19.15 -18.38 10.15
CA VAL F 43 -18.68 -17.04 10.53
C VAL F 43 -18.27 -16.29 9.29
N LEU F 44 -17.52 -16.98 8.43
CA LEU F 44 -17.10 -16.48 7.13
C LEU F 44 -18.31 -16.07 6.27
N ASP F 45 -19.33 -16.95 6.21
CA ASP F 45 -20.53 -16.70 5.42
C ASP F 45 -21.25 -15.41 5.85
N ARG F 46 -21.10 -15.04 7.12
CA ARG F 46 -21.75 -13.84 7.65
C ARG F 46 -20.98 -12.59 7.26
N TRP F 47 -19.65 -12.70 7.27
CA TRP F 47 -18.76 -11.59 6.89
C TRP F 47 -19.01 -11.11 5.44
N ARG F 48 -19.66 -11.94 4.65
CA ARG F 48 -19.97 -11.57 3.27
C ARG F 48 -21.35 -10.91 3.18
N SER F 49 -22.13 -11.00 4.26
CA SER F 49 -23.50 -10.50 4.26
C SER F 49 -23.72 -9.24 5.09
N VAL F 50 -22.85 -8.99 6.09
CA VAL F 50 -22.92 -7.83 6.99
C VAL F 50 -23.16 -6.52 6.25
N ASN F 51 -24.00 -5.64 6.80
CA ASN F 51 -24.18 -4.33 6.17
C ASN F 51 -22.89 -3.50 6.20
N LYS F 52 -22.45 -3.14 5.00
CA LYS F 52 -21.28 -2.30 4.76
C LYS F 52 -21.06 -1.27 5.88
N GLN F 53 -22.07 -0.41 6.04
CA GLN F 53 -22.03 0.71 6.96
C GLN F 53 -21.87 0.27 8.43
N THR F 54 -22.67 -0.69 8.89
CA THR F 54 -22.52 -1.16 10.26
C THR F 54 -21.26 -1.98 10.49
N ALA F 55 -20.88 -2.76 9.49
CA ALA F 55 -19.63 -3.50 9.53
C ALA F 55 -18.46 -2.57 9.76
N MET F 56 -18.47 -1.44 9.06
CA MET F 56 -17.43 -0.45 9.20
C MET F 56 -17.44 0.14 10.61
N LYS F 57 -18.62 0.53 11.08
CA LYS F 57 -18.76 1.11 12.42
C LYS F 57 -18.00 0.28 13.41
N HIS F 58 -18.25 -1.03 13.36
CA HIS F 58 -17.68 -1.92 14.37
C HIS F 58 -16.19 -2.10 14.25
N LEU F 59 -15.72 -2.47 13.05
CA LEU F 59 -14.29 -2.62 12.80
C LEU F 59 -13.53 -1.38 13.29
N LEU F 60 -14.12 -0.19 13.12
CA LEU F 60 -13.45 1.07 13.44
C LEU F 60 -13.30 1.17 14.94
N SER F 61 -14.30 0.63 15.65
CA SER F 61 -14.32 0.62 17.10
C SER F 61 -13.29 -0.34 17.64
N PHE F 62 -13.11 -1.45 16.93
CA PHE F 62 -12.06 -2.39 17.29
C PHE F 62 -10.70 -1.70 17.21
N LYS F 63 -10.50 -1.00 16.10
CA LYS F 63 -9.26 -0.29 15.85
C LYS F 63 -9.00 0.63 17.01
N LYS F 64 -10.07 1.26 17.49
CA LYS F 64 -10.00 2.17 18.65
C LYS F 64 -9.53 1.43 19.90
N GLU F 65 -10.15 0.27 20.14
CA GLU F 65 -9.86 -0.51 21.34
C GLU F 65 -8.39 -0.93 21.35
N LEU F 66 -7.93 -1.46 20.23
CA LEU F 66 -6.53 -1.81 20.04
C LEU F 66 -5.59 -0.63 20.38
N GLY F 67 -6.03 0.57 20.05
CA GLY F 67 -5.26 1.76 20.34
C GLY F 67 -5.05 1.97 21.83
N THR F 68 -6.14 1.86 22.59
CA THR F 68 -6.17 1.94 24.04
C THR F 68 -5.17 0.94 24.66
N LEU F 69 -5.14 -0.26 24.09
CA LEU F 69 -4.25 -1.31 24.54
C LEU F 69 -2.81 -1.03 24.18
N THR F 70 -2.58 -0.47 23.00
CA THR F 70 -1.22 -0.14 22.58
C THR F 70 -0.65 1.02 23.42
N SER F 71 -1.34 2.16 23.46
CA SER F 71 -0.88 3.32 24.23
C SER F 71 -0.69 2.98 25.73
N ALA F 72 -1.45 1.99 26.20
CA ALA F 72 -1.27 1.42 27.53
C ALA F 72 0.12 0.82 27.72
N ILE F 73 0.55 -0.01 26.77
CA ILE F 73 1.88 -0.65 26.80
C ILE F 73 3.04 0.32 26.56
N ASN F 74 2.73 1.54 26.15
CA ASN F 74 3.77 2.51 25.87
C ASN F 74 4.48 3.05 27.14
N ARG F 75 3.84 2.95 28.32
CA ARG F 75 4.45 3.47 29.57
C ARG F 75 5.74 2.76 29.96
N LEU G 3 -2.72 31.83 17.11
CA LEU G 3 -3.65 30.67 17.15
C LEU G 3 -3.52 29.76 15.90
N SER G 4 -4.45 29.94 14.94
CA SER G 4 -4.43 29.26 13.62
C SER G 4 -3.20 29.72 12.81
N LEU G 5 -2.93 31.05 12.88
CA LEU G 5 -1.73 31.65 12.27
C LEU G 5 -0.52 31.24 13.01
N THR G 6 -0.53 31.33 14.33
CA THR G 6 0.64 30.95 15.12
C THR G 6 1.05 29.48 14.88
N GLY G 7 0.08 28.63 14.61
CA GLY G 7 0.37 27.27 14.18
C GLY G 7 0.74 27.09 12.71
N LEU G 8 0.40 28.07 11.86
CA LEU G 8 0.93 28.07 10.50
C LEU G 8 2.45 28.40 10.54
N LYS G 9 2.84 29.54 11.10
CA LYS G 9 4.25 29.93 11.13
C LYS G 9 5.15 28.85 11.76
N ARG G 10 4.61 28.21 12.80
CA ARG G 10 5.27 27.12 13.54
C ARG G 10 5.70 26.03 12.58
N ALA G 11 4.74 25.63 11.75
CA ALA G 11 4.92 24.66 10.69
C ALA G 11 6.04 25.10 9.78
N MET G 12 5.86 26.25 9.13
CA MET G 12 6.85 26.81 8.21
C MET G 12 8.26 26.75 8.78
N LEU G 13 8.38 27.03 10.07
CA LEU G 13 9.67 27.08 10.73
C LEU G 13 10.25 25.69 10.93
N SER G 14 9.46 24.80 11.52
CA SER G 14 9.81 23.40 11.68
C SER G 14 10.04 22.73 10.32
N LEU G 15 9.47 23.32 9.28
CA LEU G 15 9.64 22.83 7.93
C LEU G 15 10.98 23.33 7.40
N ILE G 16 11.38 24.53 7.82
CA ILE G 16 12.66 25.14 7.40
C ILE G 16 13.84 24.42 8.09
N ASP G 17 14.07 24.69 9.38
CA ASP G 17 14.94 23.85 10.20
C ASP G 17 14.07 22.69 10.65
N GLY G 18 14.67 21.56 10.99
CA GLY G 18 13.87 20.43 11.45
C GLY G 18 13.49 20.55 12.91
N ARG G 19 13.79 21.68 13.52
CA ARG G 19 13.66 21.79 14.97
C ARG G 19 12.24 22.11 15.38
N GLY G 20 12.01 22.33 16.67
CA GLY G 20 10.66 22.55 17.16
C GLY G 20 9.97 21.29 17.67
N PRO G 21 8.69 21.40 18.11
CA PRO G 21 8.06 20.37 18.91
C PRO G 21 8.01 19.02 18.24
N THR G 22 8.45 18.03 19.01
CA THR G 22 8.48 16.64 18.61
C THR G 22 7.23 16.23 17.80
N ARG G 23 6.06 16.44 18.38
CA ARG G 23 4.84 15.97 17.75
C ARG G 23 4.43 16.79 16.53
N PHE G 24 4.80 18.07 16.52
CA PHE G 24 4.61 18.91 15.34
C PHE G 24 5.37 18.39 14.13
N VAL G 25 6.67 18.09 14.31
CA VAL G 25 7.55 17.57 13.27
C VAL G 25 7.04 16.21 12.78
N LEU G 26 6.66 15.35 13.72
CA LEU G 26 5.97 14.10 13.38
C LEU G 26 4.63 14.32 12.64
N ALA G 27 3.80 15.25 13.13
CA ALA G 27 2.57 15.66 12.42
C ALA G 27 2.87 15.99 10.96
N LEU G 28 3.89 16.83 10.79
CA LEU G 28 4.37 17.27 9.49
C LEU G 28 4.72 16.08 8.63
N LEU G 29 5.46 15.16 9.22
CA LEU G 29 5.87 13.96 8.50
C LEU G 29 4.67 13.14 8.02
N ALA G 30 3.71 12.91 8.92
CA ALA G 30 2.46 12.24 8.57
C ALA G 30 1.80 12.95 7.38
N PHE G 31 1.68 14.28 7.45
CA PHE G 31 1.09 15.05 6.37
C PHE G 31 1.87 14.96 5.07
N PHE G 32 3.19 14.89 5.19
CA PHE G 32 4.07 14.77 4.03
C PHE G 32 3.89 13.39 3.37
N ARG G 33 3.38 12.43 4.12
CA ARG G 33 3.11 11.11 3.58
C ARG G 33 1.67 10.98 3.11
N PHE G 34 0.75 11.60 3.84
CA PHE G 34 -0.68 11.62 3.52
C PHE G 34 -0.88 12.17 2.12
N THR G 35 -0.42 13.41 1.93
CA THR G 35 -0.24 13.96 0.61
C THR G 35 1.08 13.42 0.07
N ALA G 36 1.13 13.09 -1.21
CA ALA G 36 2.31 12.41 -1.75
C ALA G 36 3.46 13.38 -1.99
N ILE G 37 3.96 13.97 -0.91
CA ILE G 37 5.02 14.97 -0.97
C ILE G 37 6.30 14.48 -0.27
N ALA G 38 7.44 14.67 -0.92
CA ALA G 38 8.73 14.32 -0.34
C ALA G 38 9.15 15.33 0.74
N PRO G 39 9.29 14.88 1.98
CA PRO G 39 9.60 15.75 3.12
C PRO G 39 10.95 16.45 3.04
N THR G 40 11.07 17.60 3.69
CA THR G 40 12.36 18.33 3.72
C THR G 40 13.44 17.54 4.43
N ARG G 41 14.67 17.64 3.95
CA ARG G 41 15.79 16.97 4.60
C ARG G 41 15.79 17.22 6.12
N ALA G 42 15.50 18.45 6.52
CA ALA G 42 15.45 18.84 7.93
C ALA G 42 14.43 18.05 8.73
N VAL G 43 13.32 17.72 8.07
CA VAL G 43 12.21 17.01 8.70
C VAL G 43 12.58 15.54 8.77
N LEU G 44 13.06 15.02 7.65
CA LEU G 44 13.51 13.63 7.55
C LEU G 44 14.66 13.34 8.53
N ASP G 45 15.63 14.24 8.60
CA ASP G 45 16.73 14.15 9.57
C ASP G 45 16.27 13.94 11.00
N ARG G 46 15.14 14.55 11.36
CA ARG G 46 14.63 14.50 12.71
C ARG G 46 13.91 13.19 13.01
N TRP G 47 13.18 12.68 12.01
CA TRP G 47 12.48 11.39 12.10
C TRP G 47 13.45 10.19 12.35
N ARG G 48 14.74 10.37 12.07
CA ARG G 48 15.75 9.36 12.36
C ARG G 48 16.28 9.48 13.80
N SER G 49 16.00 10.62 14.45
CA SER G 49 16.58 10.90 15.77
C SER G 49 15.57 10.87 16.93
N VAL G 50 14.27 11.07 16.64
CA VAL G 50 13.21 11.08 17.67
C VAL G 50 13.27 9.89 18.59
N ASN G 51 13.00 10.14 19.86
CA ASN G 51 13.00 9.08 20.85
C ASN G 51 11.90 8.04 20.52
N LYS G 52 12.32 6.79 20.32
CA LYS G 52 11.42 5.68 19.97
C LYS G 52 10.09 5.75 20.74
N GLN G 53 10.21 5.76 22.06
CA GLN G 53 9.10 5.80 23.01
C GLN G 53 8.15 6.97 22.75
N THR G 54 8.68 8.18 22.73
CA THR G 54 7.92 9.41 22.46
C THR G 54 7.33 9.39 21.06
N ALA G 55 8.11 8.96 20.09
CA ALA G 55 7.67 8.92 18.70
C ALA G 55 6.44 8.04 18.55
N MET G 56 6.45 6.92 19.25
CA MET G 56 5.31 6.00 19.22
C MET G 56 4.10 6.63 19.89
N LYS G 57 4.28 7.16 21.10
CA LYS G 57 3.21 7.87 21.78
C LYS G 57 2.47 8.78 20.81
N HIS G 58 3.21 9.59 20.07
CA HIS G 58 2.59 10.58 19.22
C HIS G 58 1.87 10.01 18.02
N LEU G 59 2.56 9.15 17.27
CA LEU G 59 1.98 8.45 16.12
C LEU G 59 0.67 7.70 16.51
N LEU G 60 0.63 7.14 17.71
CA LEU G 60 -0.53 6.40 18.15
C LEU G 60 -1.73 7.31 18.36
N SER G 61 -1.45 8.53 18.80
CA SER G 61 -2.45 9.56 19.03
C SER G 61 -3.00 10.06 17.71
N PHE G 62 -2.11 10.15 16.72
CA PHE G 62 -2.52 10.54 15.38
C PHE G 62 -3.52 9.51 14.84
N LYS G 63 -3.15 8.21 14.96
CA LYS G 63 -4.04 7.11 14.60
C LYS G 63 -5.41 7.29 15.25
N LYS G 64 -5.41 7.68 16.52
CA LYS G 64 -6.66 7.89 17.23
C LYS G 64 -7.43 9.02 16.60
N GLU G 65 -6.73 10.10 16.27
CA GLU G 65 -7.34 11.30 15.73
C GLU G 65 -8.02 10.98 14.40
N LEU G 66 -7.32 10.23 13.55
CA LEU G 66 -7.88 9.75 12.30
C LEU G 66 -9.14 8.88 12.51
N GLY G 67 -9.14 8.13 13.61
CA GLY G 67 -10.31 7.38 14.02
C GLY G 67 -11.56 8.23 14.19
N THR G 68 -11.46 9.31 14.97
CA THR G 68 -12.58 10.23 15.22
C THR G 68 -13.08 10.86 13.94
N LEU G 69 -12.18 11.06 12.98
CA LEU G 69 -12.55 11.64 11.70
C LEU G 69 -13.29 10.60 10.86
N THR G 70 -12.82 9.37 10.92
CA THR G 70 -13.42 8.33 10.14
C THR G 70 -14.83 8.01 10.67
N SER G 71 -14.94 7.66 11.94
CA SER G 71 -16.25 7.34 12.52
C SER G 71 -17.23 8.50 12.38
N ALA G 72 -16.70 9.72 12.29
CA ALA G 72 -17.51 10.90 11.99
C ALA G 72 -18.20 10.79 10.63
N ILE G 73 -17.42 10.39 9.63
CA ILE G 73 -17.88 10.26 8.25
C ILE G 73 -18.79 9.03 8.04
N ASN G 74 -18.87 8.16 9.04
CA ASN G 74 -19.69 6.97 8.94
C ASN G 74 -21.20 7.23 9.02
N ARG G 75 -21.62 8.36 9.59
CA ARG G 75 -23.07 8.63 9.70
C ARG G 75 -23.81 8.89 8.37
N GLY H 18 -11.03 28.10 0.24
CA GLY H 18 -10.27 26.85 0.69
C GLY H 18 -10.65 25.60 -0.13
N ARG H 19 -10.58 25.77 -1.48
CA ARG H 19 -10.69 24.72 -2.57
C ARG H 19 -9.37 23.86 -2.77
N GLY H 20 -9.31 23.14 -3.90
CA GLY H 20 -8.20 22.25 -4.21
C GLY H 20 -8.46 20.78 -3.87
N PRO H 21 -7.45 19.93 -4.12
CA PRO H 21 -7.62 18.47 -4.08
C PRO H 21 -8.27 17.91 -2.80
N THR H 22 -9.31 17.10 -2.99
CA THR H 22 -10.05 16.46 -1.89
C THR H 22 -9.13 15.90 -0.80
N ARG H 23 -8.16 15.08 -1.19
CA ARG H 23 -7.29 14.44 -0.19
C ARG H 23 -6.36 15.42 0.47
N PHE H 24 -5.93 16.45 -0.27
CA PHE H 24 -5.10 17.47 0.33
C PHE H 24 -5.83 18.16 1.47
N VAL H 25 -7.06 18.60 1.21
CA VAL H 25 -7.87 19.29 2.21
C VAL H 25 -8.13 18.40 3.41
N LEU H 26 -8.39 17.12 3.16
CA LEU H 26 -8.55 16.17 4.25
C LEU H 26 -7.23 15.93 5.00
N ALA H 27 -6.12 15.77 4.26
CA ALA H 27 -4.80 15.65 4.88
C ALA H 27 -4.59 16.84 5.80
N LEU H 28 -4.87 18.04 5.30
CA LEU H 28 -4.77 19.28 6.07
C LEU H 28 -5.59 19.20 7.35
N LEU H 29 -6.83 18.73 7.21
CA LEU H 29 -7.73 18.55 8.34
C LEU H 29 -7.14 17.59 9.37
N ALA H 30 -6.61 16.46 8.90
CA ALA H 30 -5.92 15.51 9.75
C ALA H 30 -4.80 16.20 10.51
N PHE H 31 -3.96 16.92 9.80
CA PHE H 31 -2.87 17.62 10.43
C PHE H 31 -3.35 18.65 11.49
N PHE H 32 -4.44 19.35 11.17
CA PHE H 32 -5.03 20.36 12.04
C PHE H 32 -5.58 19.70 13.29
N ARG H 33 -5.79 18.40 13.25
CA ARG H 33 -6.26 17.73 14.44
C ARG H 33 -5.10 17.04 15.16
N PHE H 34 -4.10 16.60 14.40
CA PHE H 34 -2.92 15.96 14.98
C PHE H 34 -2.15 16.94 15.85
N THR H 35 -1.85 18.10 15.25
CA THR H 35 -1.47 19.31 15.94
C THR H 35 -2.73 19.85 16.57
N ALA H 36 -2.70 20.35 17.80
CA ALA H 36 -3.94 20.84 18.41
C ALA H 36 -4.31 22.24 17.89
N ILE H 37 -4.62 22.32 16.60
CA ILE H 37 -4.86 23.62 15.93
C ILE H 37 -6.26 23.67 15.32
N ALA H 38 -6.99 24.75 15.58
CA ALA H 38 -8.35 24.93 15.08
C ALA H 38 -8.33 25.29 13.59
N PRO H 39 -8.94 24.44 12.76
CA PRO H 39 -8.86 24.56 11.30
C PRO H 39 -9.53 25.80 10.75
N THR H 40 -9.09 26.31 9.60
CA THR H 40 -9.71 27.51 9.01
C THR H 40 -11.12 27.22 8.55
N ARG H 41 -11.99 28.23 8.67
CA ARG H 41 -13.38 28.13 8.23
C ARG H 41 -13.53 27.47 6.85
N ALA H 42 -12.68 27.88 5.91
CA ALA H 42 -12.69 27.35 4.54
C ALA H 42 -12.36 25.87 4.45
N VAL H 43 -11.51 25.39 5.37
CA VAL H 43 -11.16 23.98 5.46
C VAL H 43 -12.29 23.18 6.11
N LEU H 44 -12.79 23.69 7.23
CA LEU H 44 -13.92 23.07 7.94
C LEU H 44 -15.16 22.99 7.04
N ASP H 45 -15.43 24.09 6.33
CA ASP H 45 -16.49 24.21 5.31
C ASP H 45 -16.54 23.02 4.36
N ARG H 46 -15.35 22.57 3.94
CA ARG H 46 -15.22 21.56 2.91
C ARG H 46 -15.42 20.18 3.48
N TRP H 47 -14.98 20.00 4.72
CA TRP H 47 -15.14 18.78 5.50
C TRP H 47 -16.61 18.32 5.63
N ARG H 48 -17.52 19.30 5.58
CA ARG H 48 -18.95 19.00 5.66
C ARG H 48 -19.55 18.65 4.29
N SER H 49 -18.80 18.90 3.21
CA SER H 49 -19.31 18.74 1.85
C SER H 49 -18.72 17.55 1.08
N VAL H 50 -17.53 17.10 1.49
CA VAL H 50 -16.82 15.95 0.90
C VAL H 50 -17.75 14.77 0.62
N ASN H 51 -17.61 14.15 -0.54
CA ASN H 51 -18.32 12.90 -0.83
C ASN H 51 -17.95 11.79 0.19
N LYS H 52 -18.94 11.36 0.97
CA LYS H 52 -18.79 10.32 1.98
C LYS H 52 -17.84 9.19 1.55
N GLN H 53 -18.14 8.61 0.39
CA GLN H 53 -17.37 7.51 -0.20
C GLN H 53 -15.89 7.85 -0.39
N THR H 54 -15.62 8.96 -1.08
CA THR H 54 -14.26 9.39 -1.36
C THR H 54 -13.54 9.84 -0.11
N ALA H 55 -14.28 10.52 0.75
CA ALA H 55 -13.75 10.96 2.04
C ALA H 55 -13.23 9.80 2.88
N MET H 56 -13.98 8.70 2.87
CA MET H 56 -13.61 7.46 3.53
C MET H 56 -12.35 6.85 2.91
N LYS H 57 -12.39 6.65 1.60
CA LYS H 57 -11.24 6.14 0.89
C LYS H 57 -9.95 6.80 1.38
N HIS H 58 -9.97 8.13 1.48
CA HIS H 58 -8.77 8.90 1.79
C HIS H 58 -8.30 8.76 3.20
N LEU H 59 -9.23 8.98 4.14
CA LEU H 59 -8.94 8.81 5.56
C LEU H 59 -8.36 7.42 5.84
N LEU H 60 -8.88 6.42 5.13
CA LEU H 60 -8.47 5.04 5.36
C LEU H 60 -7.03 4.84 4.90
N SER H 61 -6.63 5.56 3.86
CA SER H 61 -5.26 5.49 3.37
C SER H 61 -4.30 6.27 4.31
N PHE H 62 -4.78 7.34 4.95
CA PHE H 62 -3.97 8.04 5.92
C PHE H 62 -3.67 7.07 7.05
N LYS H 63 -4.71 6.36 7.50
CA LYS H 63 -4.55 5.40 8.57
C LYS H 63 -3.47 4.40 8.21
N LYS H 64 -3.44 4.01 6.94
CA LYS H 64 -2.46 3.05 6.47
C LYS H 64 -1.10 3.67 6.58
N GLU H 65 -0.98 4.91 6.14
CA GLU H 65 0.32 5.57 6.13
C GLU H 65 0.89 5.68 7.54
N LEU H 66 0.05 6.10 8.49
CA LEU H 66 0.42 6.15 9.90
C LEU H 66 0.92 4.80 10.38
N GLY H 67 0.34 3.73 9.81
CA GLY H 67 0.74 2.36 10.09
C GLY H 67 2.19 2.08 9.72
N THR H 68 2.58 2.42 8.50
CA THR H 68 3.97 2.26 8.05
C THR H 68 4.93 3.01 8.96
N LEU H 69 4.48 4.14 9.49
CA LEU H 69 5.34 4.97 10.30
C LEU H 69 5.49 4.33 11.66
N THR H 70 4.43 3.73 12.19
CA THR H 70 4.54 3.14 13.52
C THR H 70 5.39 1.91 13.47
N SER H 71 5.03 1.00 12.57
CA SER H 71 5.76 -0.23 12.38
C SER H 71 7.25 0.05 12.17
N ALA H 72 7.53 1.17 11.53
CA ALA H 72 8.90 1.64 11.32
C ALA H 72 9.62 1.88 12.66
N ILE H 73 8.94 2.61 13.56
CA ILE H 73 9.49 2.96 14.87
C ILE H 73 9.55 1.78 15.83
N ASN H 74 8.95 0.66 15.45
CA ASN H 74 8.98 -0.51 16.32
C ASN H 74 10.31 -1.24 16.39
N ARG H 75 11.19 -0.99 15.43
CA ARG H 75 12.51 -1.66 15.39
C ARG H 75 13.44 -1.31 16.56
CA CA I . 29.36 -4.04 -7.83
CL CL J . 29.46 -11.04 -1.37
P PO4 K . 29.66 -0.28 -8.54
O1 PO4 K . 29.82 -0.31 -10.05
O2 PO4 K . 28.58 0.71 -8.15
O3 PO4 K . 30.99 0.08 -7.89
O4 PO4 K . 29.25 -1.66 -8.07
C1 PG4 L . 16.35 -13.95 3.11
C2 PG4 L . 16.86 -13.91 1.68
O2 PG4 L . 17.98 -14.79 1.51
C3 PG4 L . 18.04 -15.34 0.19
C4 PG4 L . 17.93 -16.85 0.30
O3 PG4 L . 18.21 -17.23 1.66
C5 PG4 L . 19.31 -18.13 1.73
CA CA M . -9.56 -7.14 -29.83
CL CL N . -9.58 0.16 -36.46
C2 PG4 O . -1.75 10.43 -30.33
O2 PG4 O . -2.85 10.63 -29.44
C3 PG4 O . -3.64 11.76 -29.82
C4 PG4 O . -4.99 11.71 -29.12
O3 PG4 O . -4.76 11.47 -27.72
C5 PG4 O . -5.97 11.13 -27.01
C6 PG4 O . -6.45 12.24 -26.06
CA CA P . -27.33 -6.65 15.45
CL CL Q . -27.65 -14.21 21.74
C2 PG4 R . -14.84 -20.64 22.26
O2 PG4 R . -13.82 -19.62 22.25
C3 PG4 R . -13.92 -18.68 21.16
C4 PG4 R . -13.00 -17.47 21.36
O3 PG4 R . -13.60 -16.50 22.23
C5 PG4 R . -12.92 -16.33 23.49
C6 PG4 R . -13.04 -17.51 24.47
CA CA S . 9.15 18.39 22.72
CL CL T . 7.91 26.89 18.84
C2 PG4 U . 1.48 21.78 6.17
O2 PG4 U . 1.77 23.07 6.73
C3 PG4 U . 1.69 24.14 5.78
C4 PG4 U . 0.47 24.99 6.08
O3 PG4 U . -0.21 24.52 7.26
C5 PG4 U . -1.08 25.50 7.86
C6 PG4 U . -1.39 25.25 9.34
#